data_1HS8
# 
_entry.id   1HS8 
# 
_audit_conform.dict_name       mmcif_pdbx.dic 
_audit_conform.dict_version    5.392 
_audit_conform.dict_location   http://mmcif.pdb.org/dictionaries/ascii/mmcif_pdbx.dic 
# 
loop_
_database_2.database_id 
_database_2.database_code 
_database_2.pdbx_database_accession 
_database_2.pdbx_DOI 
PDB   1HS8         pdb_00001hs8 10.2210/pdb1hs8/pdb 
RCSB  RCSB012559   ?            ?                   
WWPDB D_1000012559 ?            ?                   
# 
loop_
_pdbx_audit_revision_history.ordinal 
_pdbx_audit_revision_history.data_content_type 
_pdbx_audit_revision_history.major_revision 
_pdbx_audit_revision_history.minor_revision 
_pdbx_audit_revision_history.revision_date 
1 'Structure model' 1 0 2003-09-02 
2 'Structure model' 1 1 2008-04-27 
3 'Structure model' 1 2 2011-07-13 
4 'Structure model' 1 3 2022-02-23 
5 'Structure model' 1 4 2024-05-22 
# 
_pdbx_audit_revision_details.ordinal             1 
_pdbx_audit_revision_details.revision_ordinal    1 
_pdbx_audit_revision_details.data_content_type   'Structure model' 
_pdbx_audit_revision_details.provider            repository 
_pdbx_audit_revision_details.type                'Initial release' 
_pdbx_audit_revision_details.description         ? 
_pdbx_audit_revision_details.details             ? 
# 
loop_
_pdbx_audit_revision_group.ordinal 
_pdbx_audit_revision_group.revision_ordinal 
_pdbx_audit_revision_group.data_content_type 
_pdbx_audit_revision_group.group 
1 2 'Structure model' 'Version format compliance' 
2 3 'Structure model' 'Version format compliance' 
3 4 'Structure model' 'Data collection'           
4 4 'Structure model' 'Database references'       
5 4 'Structure model' 'Derived calculations'      
6 5 'Structure model' 'Data collection'           
# 
loop_
_pdbx_audit_revision_category.ordinal 
_pdbx_audit_revision_category.revision_ordinal 
_pdbx_audit_revision_category.data_content_type 
_pdbx_audit_revision_category.category 
1 4 'Structure model' database_2            
2 4 'Structure model' pdbx_nmr_software     
3 4 'Structure model' pdbx_struct_assembly  
4 4 'Structure model' pdbx_struct_oper_list 
5 5 'Structure model' chem_comp_atom        
6 5 'Structure model' chem_comp_bond        
# 
loop_
_pdbx_audit_revision_item.ordinal 
_pdbx_audit_revision_item.revision_ordinal 
_pdbx_audit_revision_item.data_content_type 
_pdbx_audit_revision_item.item 
1 4 'Structure model' '_database_2.pdbx_DOI'                
2 4 'Structure model' '_database_2.pdbx_database_accession' 
3 4 'Structure model' '_pdbx_nmr_software.name'             
# 
_pdbx_database_status.status_code                     REL 
_pdbx_database_status.entry_id                        1HS8 
_pdbx_database_status.recvd_initial_deposition_date   2000-12-25 
_pdbx_database_status.deposit_site                    RCSB 
_pdbx_database_status.process_site                    RCSB 
_pdbx_database_status.SG_entry                        . 
_pdbx_database_status.pdb_format_compatible           Y 
_pdbx_database_status.status_code_mr                  ? 
_pdbx_database_status.status_code_sf                  ? 
_pdbx_database_status.status_code_cs                  ? 
_pdbx_database_status.status_code_nmr_data            ? 
_pdbx_database_status.methods_development_category    ? 
# 
loop_
_pdbx_database_related.db_name 
_pdbx_database_related.db_id 
_pdbx_database_related.details 
_pdbx_database_related.content_type 
PDB 1HS1 'RNA hairpin loop UUAACU as part of hairpin r(GCGUUAACUCGCA)' unspecified 
PDB 1HS2 'RNA hairpin loop UUAAGU as part of hairpin r(GCGUUAAGUCGCA)' unspecified 
PDB 1HS3 'RNA hairpin loop UUAAUU as part of hairpin r(GCGUUAAUUCGCA)' unspecified 
PDB 1HS4 'RNA hairpin loop UUAAAU as part of hairpin r(GCGUUAAAUCGCA)' unspecified 
# 
loop_
_audit_author.name 
_audit_author.pdbx_ordinal 
'Zhang, H.'   1 
'Ricart, B.'  2 
'Huck, M.'    3 
'Krugh, T.R.' 4 
# 
_citation.id                        primary 
_citation.title                     'Structural Characterization of Six-Nucleotide RNA Hairpin loops r(UCAAUU)' 
_citation.journal_abbrev            'To be Published' 
_citation.journal_volume            ? 
_citation.page_first                ? 
_citation.page_last                 ? 
_citation.year                      ? 
_citation.journal_id_ASTM           ? 
_citation.country                   ? 
_citation.journal_id_ISSN           ? 
_citation.journal_id_CSD            0353 
_citation.book_publisher            ? 
_citation.pdbx_database_id_PubMed   ? 
_citation.pdbx_database_id_DOI      ? 
# 
loop_
_citation_author.citation_id 
_citation_author.name 
_citation_author.ordinal 
_citation_author.identifier_ORCID 
primary 'Zhang, H.'   1 ? 
primary 'Ricart, B.'  2 ? 
primary 'Huck, M.'    3 ? 
primary 'Krugh, T.R.' 4 ? 
# 
_entity.id                         1 
_entity.type                       polymer 
_entity.src_method                 syn 
_entity.pdbx_description           "5'-R(*GP*CP*GP*UP*CP*AP*AP*UP*UP*CP*GP*CP*A)-3'" 
_entity.formula_weight             4117.501 
_entity.pdbx_number_of_molecules   1 
_entity.pdbx_ec                    ? 
_entity.pdbx_mutation              ? 
_entity.pdbx_fragment              ? 
_entity.details                    ? 
# 
_entity_poly.entity_id                      1 
_entity_poly.type                           polyribonucleotide 
_entity_poly.nstd_linkage                   no 
_entity_poly.nstd_monomer                   no 
_entity_poly.pdbx_seq_one_letter_code       GCGUCAAUUCGCA 
_entity_poly.pdbx_seq_one_letter_code_can   GCGUCAAUUCGCA 
_entity_poly.pdbx_strand_id                 A 
_entity_poly.pdbx_target_identifier         ? 
# 
loop_
_entity_poly_seq.entity_id 
_entity_poly_seq.num 
_entity_poly_seq.mon_id 
_entity_poly_seq.hetero 
1 1  G n 
1 2  C n 
1 3  G n 
1 4  U n 
1 5  C n 
1 6  A n 
1 7  A n 
1 8  U n 
1 9  U n 
1 10 C n 
1 11 G n 
1 12 C n 
1 13 A n 
# 
loop_
_chem_comp.id 
_chem_comp.type 
_chem_comp.mon_nstd_flag 
_chem_comp.name 
_chem_comp.pdbx_synonyms 
_chem_comp.formula 
_chem_comp.formula_weight 
A 'RNA linking' y "ADENOSINE-5'-MONOPHOSPHATE" ? 'C10 H14 N5 O7 P' 347.221 
C 'RNA linking' y "CYTIDINE-5'-MONOPHOSPHATE"  ? 'C9 H14 N3 O8 P'  323.197 
G 'RNA linking' y "GUANOSINE-5'-MONOPHOSPHATE" ? 'C10 H14 N5 O8 P' 363.221 
U 'RNA linking' y "URIDINE-5'-MONOPHOSPHATE"   ? 'C9 H13 N2 O9 P'  324.181 
# 
loop_
_pdbx_poly_seq_scheme.asym_id 
_pdbx_poly_seq_scheme.entity_id 
_pdbx_poly_seq_scheme.seq_id 
_pdbx_poly_seq_scheme.mon_id 
_pdbx_poly_seq_scheme.ndb_seq_num 
_pdbx_poly_seq_scheme.pdb_seq_num 
_pdbx_poly_seq_scheme.auth_seq_num 
_pdbx_poly_seq_scheme.pdb_mon_id 
_pdbx_poly_seq_scheme.auth_mon_id 
_pdbx_poly_seq_scheme.pdb_strand_id 
_pdbx_poly_seq_scheme.pdb_ins_code 
_pdbx_poly_seq_scheme.hetero 
A 1 1  G 1  1  1  G G A . n 
A 1 2  C 2  2  2  C C A . n 
A 1 3  G 3  3  3  G G A . n 
A 1 4  U 4  4  4  U U A . n 
A 1 5  C 5  5  5  C C A . n 
A 1 6  A 6  6  6  A A A . n 
A 1 7  A 7  7  7  A A A . n 
A 1 8  U 8  8  8  U U A . n 
A 1 9  U 9  9  9  U U A . n 
A 1 10 C 10 10 10 C C A . n 
A 1 11 G 11 11 11 G G A . n 
A 1 12 C 12 12 12 C C A . n 
A 1 13 A 13 13 13 A A A . n 
# 
_exptl.entry_id          1HS8 
_exptl.method            'SOLUTION NMR' 
_exptl.crystals_number   ? 
# 
_exptl_crystal.id                    1 
_exptl_crystal.density_meas          ? 
_exptl_crystal.density_Matthews      ? 
_exptl_crystal.density_percent_sol   ? 
_exptl_crystal.description           ? 
# 
_diffrn.id                     1 
_diffrn.ambient_temp           ? 
_diffrn.ambient_temp_details   ? 
_diffrn.crystal_id             1 
# 
_diffrn_radiation.diffrn_id                        1 
_diffrn_radiation.wavelength_id                    1 
_diffrn_radiation.pdbx_monochromatic_or_laue_m_l   M 
_diffrn_radiation.monochromator                    ? 
_diffrn_radiation.pdbx_diffrn_protocol             'SINGLE WAVELENGTH' 
_diffrn_radiation.pdbx_scattering_type             ? 
# 
_diffrn_radiation_wavelength.id           1 
_diffrn_radiation_wavelength.wavelength   . 
_diffrn_radiation_wavelength.wt           1.0 
# 
_struct.entry_id                  1HS8 
_struct.title                     'SOLUTION STRUCTURE OF RNA HAIRPIN LOOP UCAAUU AS PART OF HAIRPIN R(GCGUCAAUUCGCA)' 
_struct.pdbx_model_details        ? 
_struct.pdbx_CASP_flag            ? 
_struct.pdbx_model_type_details   ? 
# 
_struct_keywords.entry_id        1HS8 
_struct_keywords.pdbx_keywords   RNA 
_struct_keywords.text            'ribonucleic acid, hairpin loop, RNA structure, RNA' 
# 
_struct_asym.id                            A 
_struct_asym.pdbx_blank_PDB_chainid_flag   N 
_struct_asym.pdbx_modified                 N 
_struct_asym.entity_id                     1 
_struct_asym.details                       ? 
# 
_struct_ref.id                         1 
_struct_ref.entity_id                  1 
_struct_ref.db_name                    PDB 
_struct_ref.db_code                    1HS8 
_struct_ref.pdbx_db_accession          1HS8 
_struct_ref.pdbx_db_isoform            ? 
_struct_ref.pdbx_seq_one_letter_code   ? 
_struct_ref.pdbx_align_begin           ? 
# 
_struct_ref_seq.align_id                      1 
_struct_ref_seq.ref_id                        1 
_struct_ref_seq.pdbx_PDB_id_code              1HS8 
_struct_ref_seq.pdbx_strand_id                A 
_struct_ref_seq.seq_align_beg                 1 
_struct_ref_seq.pdbx_seq_align_beg_ins_code   ? 
_struct_ref_seq.seq_align_end                 13 
_struct_ref_seq.pdbx_seq_align_end_ins_code   ? 
_struct_ref_seq.pdbx_db_accession             1HS8 
_struct_ref_seq.db_align_beg                  1 
_struct_ref_seq.pdbx_db_align_beg_ins_code    ? 
_struct_ref_seq.db_align_end                  13 
_struct_ref_seq.pdbx_db_align_end_ins_code    ? 
_struct_ref_seq.pdbx_auth_seq_align_beg       1 
_struct_ref_seq.pdbx_auth_seq_align_end       13 
# 
_pdbx_struct_assembly.id                   1 
_pdbx_struct_assembly.details              author_defined_assembly 
_pdbx_struct_assembly.method_details       ? 
_pdbx_struct_assembly.oligomeric_details   monomeric 
_pdbx_struct_assembly.oligomeric_count     1 
# 
_pdbx_struct_assembly_gen.assembly_id       1 
_pdbx_struct_assembly_gen.oper_expression   1 
_pdbx_struct_assembly_gen.asym_id_list      A 
# 
_pdbx_struct_oper_list.id                   1 
_pdbx_struct_oper_list.type                 'identity operation' 
_pdbx_struct_oper_list.name                 1_555 
_pdbx_struct_oper_list.symmetry_operation   x,y,z 
_pdbx_struct_oper_list.matrix[1][1]         1.0000000000 
_pdbx_struct_oper_list.matrix[1][2]         0.0000000000 
_pdbx_struct_oper_list.matrix[1][3]         0.0000000000 
_pdbx_struct_oper_list.vector[1]            0.0000000000 
_pdbx_struct_oper_list.matrix[2][1]         0.0000000000 
_pdbx_struct_oper_list.matrix[2][2]         1.0000000000 
_pdbx_struct_oper_list.matrix[2][3]         0.0000000000 
_pdbx_struct_oper_list.vector[2]            0.0000000000 
_pdbx_struct_oper_list.matrix[3][1]         0.0000000000 
_pdbx_struct_oper_list.matrix[3][2]         0.0000000000 
_pdbx_struct_oper_list.matrix[3][3]         1.0000000000 
_pdbx_struct_oper_list.vector[3]            0.0000000000 
# 
_struct_biol.id   1 
# 
loop_
_struct_conn.id 
_struct_conn.conn_type_id 
_struct_conn.pdbx_leaving_atom_flag 
_struct_conn.pdbx_PDB_id 
_struct_conn.ptnr1_label_asym_id 
_struct_conn.ptnr1_label_comp_id 
_struct_conn.ptnr1_label_seq_id 
_struct_conn.ptnr1_label_atom_id 
_struct_conn.pdbx_ptnr1_label_alt_id 
_struct_conn.pdbx_ptnr1_PDB_ins_code 
_struct_conn.pdbx_ptnr1_standard_comp_id 
_struct_conn.ptnr1_symmetry 
_struct_conn.ptnr2_label_asym_id 
_struct_conn.ptnr2_label_comp_id 
_struct_conn.ptnr2_label_seq_id 
_struct_conn.ptnr2_label_atom_id 
_struct_conn.pdbx_ptnr2_label_alt_id 
_struct_conn.pdbx_ptnr2_PDB_ins_code 
_struct_conn.ptnr1_auth_asym_id 
_struct_conn.ptnr1_auth_comp_id 
_struct_conn.ptnr1_auth_seq_id 
_struct_conn.ptnr2_auth_asym_id 
_struct_conn.ptnr2_auth_comp_id 
_struct_conn.ptnr2_auth_seq_id 
_struct_conn.ptnr2_symmetry 
_struct_conn.pdbx_ptnr3_label_atom_id 
_struct_conn.pdbx_ptnr3_label_seq_id 
_struct_conn.pdbx_ptnr3_label_comp_id 
_struct_conn.pdbx_ptnr3_label_asym_id 
_struct_conn.pdbx_ptnr3_label_alt_id 
_struct_conn.pdbx_ptnr3_PDB_ins_code 
_struct_conn.details 
_struct_conn.pdbx_dist_value 
_struct_conn.pdbx_value_order 
_struct_conn.pdbx_role 
hydrog1  hydrog ? ? A G 1 N1 ? ? ? 1_555 A C 12 N3 ? ? A G 1 A C 12 1_555 ? ? ? ? ? ? WATSON-CRICK ? ? ? 
hydrog2  hydrog ? ? A G 1 N2 ? ? ? 1_555 A C 12 O2 ? ? A G 1 A C 12 1_555 ? ? ? ? ? ? WATSON-CRICK ? ? ? 
hydrog3  hydrog ? ? A G 1 O6 ? ? ? 1_555 A C 12 N4 ? ? A G 1 A C 12 1_555 ? ? ? ? ? ? WATSON-CRICK ? ? ? 
hydrog4  hydrog ? ? A C 2 N3 ? ? ? 1_555 A G 11 N1 ? ? A C 2 A G 11 1_555 ? ? ? ? ? ? WATSON-CRICK ? ? ? 
hydrog5  hydrog ? ? A C 2 N4 ? ? ? 1_555 A G 11 O6 ? ? A C 2 A G 11 1_555 ? ? ? ? ? ? WATSON-CRICK ? ? ? 
hydrog6  hydrog ? ? A C 2 O2 ? ? ? 1_555 A G 11 N2 ? ? A C 2 A G 11 1_555 ? ? ? ? ? ? WATSON-CRICK ? ? ? 
hydrog7  hydrog ? ? A G 3 N1 ? ? ? 1_555 A C 10 N3 ? ? A G 3 A C 10 1_555 ? ? ? ? ? ? WATSON-CRICK ? ? ? 
hydrog8  hydrog ? ? A G 3 N2 ? ? ? 1_555 A C 10 O2 ? ? A G 3 A C 10 1_555 ? ? ? ? ? ? WATSON-CRICK ? ? ? 
hydrog9  hydrog ? ? A G 3 O6 ? ? ? 1_555 A C 10 N4 ? ? A G 3 A C 10 1_555 ? ? ? ? ? ? WATSON-CRICK ? ? ? 
hydrog10 hydrog ? ? A U 4 N3 ? ? ? 1_555 A U 9  O4 ? ? A U 4 A U 9  1_555 ? ? ? ? ? ? TYPE_16_PAIR ? ? ? 
hydrog11 hydrog ? ? A U 4 O2 ? ? ? 1_555 A U 9  N3 ? ? A U 4 A U 9  1_555 ? ? ? ? ? ? TYPE_16_PAIR ? ? ? 
# 
_struct_conn_type.id          hydrog 
_struct_conn_type.criteria    ? 
_struct_conn_type.reference   ? 
# 
loop_
_pdbx_validate_rmsd_angle.id 
_pdbx_validate_rmsd_angle.PDB_model_num 
_pdbx_validate_rmsd_angle.auth_atom_id_1 
_pdbx_validate_rmsd_angle.auth_asym_id_1 
_pdbx_validate_rmsd_angle.auth_comp_id_1 
_pdbx_validate_rmsd_angle.auth_seq_id_1 
_pdbx_validate_rmsd_angle.PDB_ins_code_1 
_pdbx_validate_rmsd_angle.label_alt_id_1 
_pdbx_validate_rmsd_angle.auth_atom_id_2 
_pdbx_validate_rmsd_angle.auth_asym_id_2 
_pdbx_validate_rmsd_angle.auth_comp_id_2 
_pdbx_validate_rmsd_angle.auth_seq_id_2 
_pdbx_validate_rmsd_angle.PDB_ins_code_2 
_pdbx_validate_rmsd_angle.label_alt_id_2 
_pdbx_validate_rmsd_angle.auth_atom_id_3 
_pdbx_validate_rmsd_angle.auth_asym_id_3 
_pdbx_validate_rmsd_angle.auth_comp_id_3 
_pdbx_validate_rmsd_angle.auth_seq_id_3 
_pdbx_validate_rmsd_angle.PDB_ins_code_3 
_pdbx_validate_rmsd_angle.label_alt_id_3 
_pdbx_validate_rmsd_angle.angle_value 
_pdbx_validate_rmsd_angle.angle_target_value 
_pdbx_validate_rmsd_angle.angle_deviation 
_pdbx_validate_rmsd_angle.angle_standard_deviation 
_pdbx_validate_rmsd_angle.linker_flag 
1 1 "O4'" A U 4  ? ? "C1'" A U 4  ? ? N1 A U 4  ? ? 113.43 108.50 4.93 0.70 N 
2 1 "O4'" A C 10 ? ? "C1'" A C 10 ? ? N1 A C 10 ? ? 112.72 108.50 4.22 0.70 N 
3 1 "O4'" A C 12 ? ? "C1'" A C 12 ? ? N1 A C 12 ? ? 112.73 108.50 4.23 0.70 N 
# 
_pdbx_validate_planes.id              1 
_pdbx_validate_planes.PDB_model_num   1 
_pdbx_validate_planes.auth_comp_id    U 
_pdbx_validate_planes.auth_asym_id    A 
_pdbx_validate_planes.auth_seq_id     8 
_pdbx_validate_planes.PDB_ins_code    ? 
_pdbx_validate_planes.label_alt_id    ? 
_pdbx_validate_planes.rmsd            0.058 
_pdbx_validate_planes.type            'SIDE CHAIN' 
# 
_pdbx_nmr_ensemble.entry_id                                      1HS8 
_pdbx_nmr_ensemble.conformers_calculated_total_number            30 
_pdbx_nmr_ensemble.conformers_submitted_total_number             1 
_pdbx_nmr_ensemble.conformer_selection_criteria                  'average structure of 30 conformers' 
_pdbx_nmr_ensemble.average_constraints_per_residue               ? 
_pdbx_nmr_ensemble.average_constraint_violations_per_residue     ? 
_pdbx_nmr_ensemble.maximum_distance_constraint_violation         ? 
_pdbx_nmr_ensemble.average_distance_constraint_violation         ? 
_pdbx_nmr_ensemble.maximum_upper_distance_constraint_violation   ? 
_pdbx_nmr_ensemble.maximum_lower_distance_constraint_violation   ? 
_pdbx_nmr_ensemble.distance_constraint_violation_method          ? 
_pdbx_nmr_ensemble.maximum_torsion_angle_constraint_violation    ? 
_pdbx_nmr_ensemble.average_torsion_angle_constraint_violation    ? 
_pdbx_nmr_ensemble.torsion_angle_constraint_violation_method     ? 
# 
_pdbx_nmr_sample_details.solution_id      1 
_pdbx_nmr_sample_details.contents         
;1 mM RNA oligomer - H2O; 
1 mM RNA oligomer - D2O
;
_pdbx_nmr_sample_details.solvent_system   ? 
# 
_pdbx_nmr_exptl_sample_conditions.conditions_id       1 
_pdbx_nmr_exptl_sample_conditions.temperature         293 
_pdbx_nmr_exptl_sample_conditions.pressure            '1.0 atm' 
_pdbx_nmr_exptl_sample_conditions.pH                  6.0 
_pdbx_nmr_exptl_sample_conditions.ionic_strength      '0.05 M NaCl, 0.005 M sodium phosphate' 
_pdbx_nmr_exptl_sample_conditions.pressure_units      ? 
_pdbx_nmr_exptl_sample_conditions.temperature_units   K 
# 
_pdbx_nmr_exptl.experiment_id   1 
_pdbx_nmr_exptl.solution_id     1 
_pdbx_nmr_exptl.conditions_id   1 
_pdbx_nmr_exptl.type            '2D NOESY' 
# 
_pdbx_nmr_refine.entry_id           1HS8 
_pdbx_nmr_refine.method             'restrained molecular dynamics & energy minimization' 
_pdbx_nmr_refine.details            ? 
_pdbx_nmr_refine.software_ordinal   1 
# 
loop_
_pdbx_nmr_software.name 
_pdbx_nmr_software.version 
_pdbx_nmr_software.classification 
_pdbx_nmr_software.authors 
_pdbx_nmr_software.ordinal 
Discover 'version 2.98' 'structure solution' MSI 1 
Discover 'version 2.98' refinement           MSI 2 
# 
loop_
_chem_comp_atom.comp_id 
_chem_comp_atom.atom_id 
_chem_comp_atom.type_symbol 
_chem_comp_atom.pdbx_aromatic_flag 
_chem_comp_atom.pdbx_stereo_config 
_chem_comp_atom.pdbx_ordinal 
A OP3    O N N 1   
A P      P N N 2   
A OP1    O N N 3   
A OP2    O N N 4   
A "O5'"  O N N 5   
A "C5'"  C N N 6   
A "C4'"  C N R 7   
A "O4'"  O N N 8   
A "C3'"  C N S 9   
A "O3'"  O N N 10  
A "C2'"  C N R 11  
A "O2'"  O N N 12  
A "C1'"  C N R 13  
A N9     N Y N 14  
A C8     C Y N 15  
A N7     N Y N 16  
A C5     C Y N 17  
A C6     C Y N 18  
A N6     N N N 19  
A N1     N Y N 20  
A C2     C Y N 21  
A N3     N Y N 22  
A C4     C Y N 23  
A HOP3   H N N 24  
A HOP2   H N N 25  
A "H5'"  H N N 26  
A "H5''" H N N 27  
A "H4'"  H N N 28  
A "H3'"  H N N 29  
A "HO3'" H N N 30  
A "H2'"  H N N 31  
A "HO2'" H N N 32  
A "H1'"  H N N 33  
A H8     H N N 34  
A H61    H N N 35  
A H62    H N N 36  
A H2     H N N 37  
C OP3    O N N 38  
C P      P N N 39  
C OP1    O N N 40  
C OP2    O N N 41  
C "O5'"  O N N 42  
C "C5'"  C N N 43  
C "C4'"  C N R 44  
C "O4'"  O N N 45  
C "C3'"  C N S 46  
C "O3'"  O N N 47  
C "C2'"  C N R 48  
C "O2'"  O N N 49  
C "C1'"  C N R 50  
C N1     N N N 51  
C C2     C N N 52  
C O2     O N N 53  
C N3     N N N 54  
C C4     C N N 55  
C N4     N N N 56  
C C5     C N N 57  
C C6     C N N 58  
C HOP3   H N N 59  
C HOP2   H N N 60  
C "H5'"  H N N 61  
C "H5''" H N N 62  
C "H4'"  H N N 63  
C "H3'"  H N N 64  
C "HO3'" H N N 65  
C "H2'"  H N N 66  
C "HO2'" H N N 67  
C "H1'"  H N N 68  
C H41    H N N 69  
C H42    H N N 70  
C H5     H N N 71  
C H6     H N N 72  
G OP3    O N N 73  
G P      P N N 74  
G OP1    O N N 75  
G OP2    O N N 76  
G "O5'"  O N N 77  
G "C5'"  C N N 78  
G "C4'"  C N R 79  
G "O4'"  O N N 80  
G "C3'"  C N S 81  
G "O3'"  O N N 82  
G "C2'"  C N R 83  
G "O2'"  O N N 84  
G "C1'"  C N R 85  
G N9     N Y N 86  
G C8     C Y N 87  
G N7     N Y N 88  
G C5     C Y N 89  
G C6     C N N 90  
G O6     O N N 91  
G N1     N N N 92  
G C2     C N N 93  
G N2     N N N 94  
G N3     N N N 95  
G C4     C Y N 96  
G HOP3   H N N 97  
G HOP2   H N N 98  
G "H5'"  H N N 99  
G "H5''" H N N 100 
G "H4'"  H N N 101 
G "H3'"  H N N 102 
G "HO3'" H N N 103 
G "H2'"  H N N 104 
G "HO2'" H N N 105 
G "H1'"  H N N 106 
G H8     H N N 107 
G H1     H N N 108 
G H21    H N N 109 
G H22    H N N 110 
U OP3    O N N 111 
U P      P N N 112 
U OP1    O N N 113 
U OP2    O N N 114 
U "O5'"  O N N 115 
U "C5'"  C N N 116 
U "C4'"  C N R 117 
U "O4'"  O N N 118 
U "C3'"  C N S 119 
U "O3'"  O N N 120 
U "C2'"  C N R 121 
U "O2'"  O N N 122 
U "C1'"  C N R 123 
U N1     N N N 124 
U C2     C N N 125 
U O2     O N N 126 
U N3     N N N 127 
U C4     C N N 128 
U O4     O N N 129 
U C5     C N N 130 
U C6     C N N 131 
U HOP3   H N N 132 
U HOP2   H N N 133 
U "H5'"  H N N 134 
U "H5''" H N N 135 
U "H4'"  H N N 136 
U "H3'"  H N N 137 
U "HO3'" H N N 138 
U "H2'"  H N N 139 
U "HO2'" H N N 140 
U "H1'"  H N N 141 
U H3     H N N 142 
U H5     H N N 143 
U H6     H N N 144 
# 
loop_
_chem_comp_bond.comp_id 
_chem_comp_bond.atom_id_1 
_chem_comp_bond.atom_id_2 
_chem_comp_bond.value_order 
_chem_comp_bond.pdbx_aromatic_flag 
_chem_comp_bond.pdbx_stereo_config 
_chem_comp_bond.pdbx_ordinal 
A OP3   P      sing N N 1   
A OP3   HOP3   sing N N 2   
A P     OP1    doub N N 3   
A P     OP2    sing N N 4   
A P     "O5'"  sing N N 5   
A OP2   HOP2   sing N N 6   
A "O5'" "C5'"  sing N N 7   
A "C5'" "C4'"  sing N N 8   
A "C5'" "H5'"  sing N N 9   
A "C5'" "H5''" sing N N 10  
A "C4'" "O4'"  sing N N 11  
A "C4'" "C3'"  sing N N 12  
A "C4'" "H4'"  sing N N 13  
A "O4'" "C1'"  sing N N 14  
A "C3'" "O3'"  sing N N 15  
A "C3'" "C2'"  sing N N 16  
A "C3'" "H3'"  sing N N 17  
A "O3'" "HO3'" sing N N 18  
A "C2'" "O2'"  sing N N 19  
A "C2'" "C1'"  sing N N 20  
A "C2'" "H2'"  sing N N 21  
A "O2'" "HO2'" sing N N 22  
A "C1'" N9     sing N N 23  
A "C1'" "H1'"  sing N N 24  
A N9    C8     sing Y N 25  
A N9    C4     sing Y N 26  
A C8    N7     doub Y N 27  
A C8    H8     sing N N 28  
A N7    C5     sing Y N 29  
A C5    C6     sing Y N 30  
A C5    C4     doub Y N 31  
A C6    N6     sing N N 32  
A C6    N1     doub Y N 33  
A N6    H61    sing N N 34  
A N6    H62    sing N N 35  
A N1    C2     sing Y N 36  
A C2    N3     doub Y N 37  
A C2    H2     sing N N 38  
A N3    C4     sing Y N 39  
C OP3   P      sing N N 40  
C OP3   HOP3   sing N N 41  
C P     OP1    doub N N 42  
C P     OP2    sing N N 43  
C P     "O5'"  sing N N 44  
C OP2   HOP2   sing N N 45  
C "O5'" "C5'"  sing N N 46  
C "C5'" "C4'"  sing N N 47  
C "C5'" "H5'"  sing N N 48  
C "C5'" "H5''" sing N N 49  
C "C4'" "O4'"  sing N N 50  
C "C4'" "C3'"  sing N N 51  
C "C4'" "H4'"  sing N N 52  
C "O4'" "C1'"  sing N N 53  
C "C3'" "O3'"  sing N N 54  
C "C3'" "C2'"  sing N N 55  
C "C3'" "H3'"  sing N N 56  
C "O3'" "HO3'" sing N N 57  
C "C2'" "O2'"  sing N N 58  
C "C2'" "C1'"  sing N N 59  
C "C2'" "H2'"  sing N N 60  
C "O2'" "HO2'" sing N N 61  
C "C1'" N1     sing N N 62  
C "C1'" "H1'"  sing N N 63  
C N1    C2     sing N N 64  
C N1    C6     sing N N 65  
C C2    O2     doub N N 66  
C C2    N3     sing N N 67  
C N3    C4     doub N N 68  
C C4    N4     sing N N 69  
C C4    C5     sing N N 70  
C N4    H41    sing N N 71  
C N4    H42    sing N N 72  
C C5    C6     doub N N 73  
C C5    H5     sing N N 74  
C C6    H6     sing N N 75  
G OP3   P      sing N N 76  
G OP3   HOP3   sing N N 77  
G P     OP1    doub N N 78  
G P     OP2    sing N N 79  
G P     "O5'"  sing N N 80  
G OP2   HOP2   sing N N 81  
G "O5'" "C5'"  sing N N 82  
G "C5'" "C4'"  sing N N 83  
G "C5'" "H5'"  sing N N 84  
G "C5'" "H5''" sing N N 85  
G "C4'" "O4'"  sing N N 86  
G "C4'" "C3'"  sing N N 87  
G "C4'" "H4'"  sing N N 88  
G "O4'" "C1'"  sing N N 89  
G "C3'" "O3'"  sing N N 90  
G "C3'" "C2'"  sing N N 91  
G "C3'" "H3'"  sing N N 92  
G "O3'" "HO3'" sing N N 93  
G "C2'" "O2'"  sing N N 94  
G "C2'" "C1'"  sing N N 95  
G "C2'" "H2'"  sing N N 96  
G "O2'" "HO2'" sing N N 97  
G "C1'" N9     sing N N 98  
G "C1'" "H1'"  sing N N 99  
G N9    C8     sing Y N 100 
G N9    C4     sing Y N 101 
G C8    N7     doub Y N 102 
G C8    H8     sing N N 103 
G N7    C5     sing Y N 104 
G C5    C6     sing N N 105 
G C5    C4     doub Y N 106 
G C6    O6     doub N N 107 
G C6    N1     sing N N 108 
G N1    C2     sing N N 109 
G N1    H1     sing N N 110 
G C2    N2     sing N N 111 
G C2    N3     doub N N 112 
G N2    H21    sing N N 113 
G N2    H22    sing N N 114 
G N3    C4     sing N N 115 
U OP3   P      sing N N 116 
U OP3   HOP3   sing N N 117 
U P     OP1    doub N N 118 
U P     OP2    sing N N 119 
U P     "O5'"  sing N N 120 
U OP2   HOP2   sing N N 121 
U "O5'" "C5'"  sing N N 122 
U "C5'" "C4'"  sing N N 123 
U "C5'" "H5'"  sing N N 124 
U "C5'" "H5''" sing N N 125 
U "C4'" "O4'"  sing N N 126 
U "C4'" "C3'"  sing N N 127 
U "C4'" "H4'"  sing N N 128 
U "O4'" "C1'"  sing N N 129 
U "C3'" "O3'"  sing N N 130 
U "C3'" "C2'"  sing N N 131 
U "C3'" "H3'"  sing N N 132 
U "O3'" "HO3'" sing N N 133 
U "C2'" "O2'"  sing N N 134 
U "C2'" "C1'"  sing N N 135 
U "C2'" "H2'"  sing N N 136 
U "O2'" "HO2'" sing N N 137 
U "C1'" N1     sing N N 138 
U "C1'" "H1'"  sing N N 139 
U N1    C2     sing N N 140 
U N1    C6     sing N N 141 
U C2    O2     doub N N 142 
U C2    N3     sing N N 143 
U N3    C4     sing N N 144 
U N3    H3     sing N N 145 
U C4    O4     doub N N 146 
U C4    C5     sing N N 147 
U C5    C6     doub N N 148 
U C5    H5     sing N N 149 
U C6    H6     sing N N 150 
# 
loop_
_ndb_struct_conf_na.entry_id 
_ndb_struct_conf_na.feature 
1HS8 'a-form double helix'  
1HS8 'hairpin loop'         
1HS8 'mismatched base pair' 
# 
loop_
_ndb_struct_na_base_pair.model_number 
_ndb_struct_na_base_pair.i_label_asym_id 
_ndb_struct_na_base_pair.i_label_comp_id 
_ndb_struct_na_base_pair.i_label_seq_id 
_ndb_struct_na_base_pair.i_symmetry 
_ndb_struct_na_base_pair.j_label_asym_id 
_ndb_struct_na_base_pair.j_label_comp_id 
_ndb_struct_na_base_pair.j_label_seq_id 
_ndb_struct_na_base_pair.j_symmetry 
_ndb_struct_na_base_pair.shear 
_ndb_struct_na_base_pair.stretch 
_ndb_struct_na_base_pair.stagger 
_ndb_struct_na_base_pair.buckle 
_ndb_struct_na_base_pair.propeller 
_ndb_struct_na_base_pair.opening 
_ndb_struct_na_base_pair.pair_number 
_ndb_struct_na_base_pair.pair_name 
_ndb_struct_na_base_pair.i_auth_asym_id 
_ndb_struct_na_base_pair.i_auth_seq_id 
_ndb_struct_na_base_pair.i_PDB_ins_code 
_ndb_struct_na_base_pair.j_auth_asym_id 
_ndb_struct_na_base_pair.j_auth_seq_id 
_ndb_struct_na_base_pair.j_PDB_ins_code 
_ndb_struct_na_base_pair.hbond_type_28 
_ndb_struct_na_base_pair.hbond_type_12 
1 A G 1 1_555 A C 12 1_555 -0.780 -0.276 0.010  -3.611 -15.759 -0.947 1 A_G1:C12_A A 1 ? A 12 ? 19 1 
1 A C 2 1_555 A G 11 1_555 -0.169 -0.070 -0.062 3.489  -16.601 -1.029 2 A_C2:G11_A A 2 ? A 11 ? 19 1 
1 A G 3 1_555 A C 10 1_555 0.150  -0.085 -0.389 -9.092 -20.931 1.658  3 A_G3:C10_A A 3 ? A 10 ? 19 1 
1 A U 4 1_555 A U 9  1_555 2.253  -1.775 0.447  -0.925 -17.192 11.337 4 A_U4:U9_A  A 4 ? A 9  ? 16 1 
# 
loop_
_ndb_struct_na_base_pair_step.model_number 
_ndb_struct_na_base_pair_step.i_label_asym_id_1 
_ndb_struct_na_base_pair_step.i_label_comp_id_1 
_ndb_struct_na_base_pair_step.i_label_seq_id_1 
_ndb_struct_na_base_pair_step.i_symmetry_1 
_ndb_struct_na_base_pair_step.j_label_asym_id_1 
_ndb_struct_na_base_pair_step.j_label_comp_id_1 
_ndb_struct_na_base_pair_step.j_label_seq_id_1 
_ndb_struct_na_base_pair_step.j_symmetry_1 
_ndb_struct_na_base_pair_step.i_label_asym_id_2 
_ndb_struct_na_base_pair_step.i_label_comp_id_2 
_ndb_struct_na_base_pair_step.i_label_seq_id_2 
_ndb_struct_na_base_pair_step.i_symmetry_2 
_ndb_struct_na_base_pair_step.j_label_asym_id_2 
_ndb_struct_na_base_pair_step.j_label_comp_id_2 
_ndb_struct_na_base_pair_step.j_label_seq_id_2 
_ndb_struct_na_base_pair_step.j_symmetry_2 
_ndb_struct_na_base_pair_step.shift 
_ndb_struct_na_base_pair_step.slide 
_ndb_struct_na_base_pair_step.rise 
_ndb_struct_na_base_pair_step.tilt 
_ndb_struct_na_base_pair_step.roll 
_ndb_struct_na_base_pair_step.twist 
_ndb_struct_na_base_pair_step.x_displacement 
_ndb_struct_na_base_pair_step.y_displacement 
_ndb_struct_na_base_pair_step.helical_rise 
_ndb_struct_na_base_pair_step.inclination 
_ndb_struct_na_base_pair_step.tip 
_ndb_struct_na_base_pair_step.helical_twist 
_ndb_struct_na_base_pair_step.step_number 
_ndb_struct_na_base_pair_step.step_name 
_ndb_struct_na_base_pair_step.i_auth_asym_id_1 
_ndb_struct_na_base_pair_step.i_auth_seq_id_1 
_ndb_struct_na_base_pair_step.i_PDB_ins_code_1 
_ndb_struct_na_base_pair_step.j_auth_asym_id_1 
_ndb_struct_na_base_pair_step.j_auth_seq_id_1 
_ndb_struct_na_base_pair_step.j_PDB_ins_code_1 
_ndb_struct_na_base_pair_step.i_auth_asym_id_2 
_ndb_struct_na_base_pair_step.i_auth_seq_id_2 
_ndb_struct_na_base_pair_step.i_PDB_ins_code_2 
_ndb_struct_na_base_pair_step.j_auth_asym_id_2 
_ndb_struct_na_base_pair_step.j_auth_seq_id_2 
_ndb_struct_na_base_pair_step.j_PDB_ins_code_2 
1 A G 1 1_555 A C 12 1_555 A C 2 1_555 A G 11 1_555 -0.048 -1.904 2.914 0.622  0.789  33.583 -3.409 0.174  2.868 1.365  -1.077 
33.598 1 AA_G1C2:G11C12_AA A 1 ? A 12 ? A 2 ? A 11 ? 
1 A C 2 1_555 A G 11 1_555 A G 3 1_555 A C 10 1_555 0.221  -1.839 3.403 2.111  19.022 29.783 -5.542 -0.087 1.930 33.062 -3.670 
35.285 2 AA_C2G3:C10G11_AA A 2 ? A 11 ? A 3 ? A 10 ? 
1 A G 3 1_555 A C 10 1_555 A U 4 1_555 A U 9  1_555 0.601  -1.411 2.924 -5.465 2.971  37.686 -2.482 -1.516 2.699 4.561  8.390  
38.178 3 AA_G3U4:U9C10_AA  A 3 ? A 10 ? A 4 ? A 9  ? 
# 
_pdbx_nmr_spectrometer.spectrometer_id   1 
_pdbx_nmr_spectrometer.type              ? 
_pdbx_nmr_spectrometer.manufacturer      Varian 
_pdbx_nmr_spectrometer.model             INOVA 
_pdbx_nmr_spectrometer.field_strength    500 
# 
_atom_sites.entry_id                    1HS8 
_atom_sites.fract_transf_matrix[1][1]   1.000000 
_atom_sites.fract_transf_matrix[1][2]   0.000000 
_atom_sites.fract_transf_matrix[1][3]   0.000000 
_atom_sites.fract_transf_matrix[2][1]   0.000000 
_atom_sites.fract_transf_matrix[2][2]   1.000000 
_atom_sites.fract_transf_matrix[2][3]   0.000000 
_atom_sites.fract_transf_matrix[3][1]   0.000000 
_atom_sites.fract_transf_matrix[3][2]   0.000000 
_atom_sites.fract_transf_matrix[3][3]   1.000000 
_atom_sites.fract_transf_vector[1]      0.00000 
_atom_sites.fract_transf_vector[2]      0.00000 
_atom_sites.fract_transf_vector[3]      0.00000 
# 
loop_
_atom_type.symbol 
C 
H 
N 
O 
P 
# 
loop_
_atom_site.group_PDB 
_atom_site.id 
_atom_site.type_symbol 
_atom_site.label_atom_id 
_atom_site.label_alt_id 
_atom_site.label_comp_id 
_atom_site.label_asym_id 
_atom_site.label_entity_id 
_atom_site.label_seq_id 
_atom_site.pdbx_PDB_ins_code 
_atom_site.Cartn_x 
_atom_site.Cartn_y 
_atom_site.Cartn_z 
_atom_site.occupancy 
_atom_site.B_iso_or_equiv 
_atom_site.pdbx_formal_charge 
_atom_site.auth_seq_id 
_atom_site.auth_comp_id 
_atom_site.auth_asym_id 
_atom_site.auth_atom_id 
_atom_site.pdbx_PDB_model_num 
ATOM 1   O "O5'"  . G A 1 1  ? -14.269 0.449   2.232   1.00 0.00 ? 1  G A "O5'"  1 
ATOM 2   C "C5'"  . G A 1 1  ? -12.959 0.895   1.966   1.00 0.00 ? 1  G A "C5'"  1 
ATOM 3   C "C4'"  . G A 1 1  ? -12.554 2.053   2.892   1.00 0.00 ? 1  G A "C4'"  1 
ATOM 4   O "O4'"  . G A 1 1  ? -12.034 1.610   4.138   1.00 0.00 ? 1  G A "O4'"  1 
ATOM 5   C "C3'"  . G A 1 1  ? -11.441 2.855   2.229   1.00 0.00 ? 1  G A "C3'"  1 
ATOM 6   O "O3'"  . G A 1 1  ? -11.984 3.781   1.299   1.00 0.00 ? 1  G A "O3'"  1 
ATOM 7   C "C2'"  . G A 1 1  ? -10.740 3.480   3.429   1.00 0.00 ? 1  G A "C2'"  1 
ATOM 8   O "O2'"  . G A 1 1  ? -11.427 4.602   3.944   1.00 0.00 ? 1  G A "O2'"  1 
ATOM 9   C "C1'"  . G A 1 1  ? -10.847 2.335   4.442   1.00 0.00 ? 1  G A "C1'"  1 
ATOM 10  N N9     . G A 1 1  ? -9.647  1.470   4.345   1.00 0.00 ? 1  G A N9     1 
ATOM 11  C C8     . G A 1 1  ? -9.512  0.185   3.876   1.00 0.00 ? 1  G A C8     1 
ATOM 12  N N7     . G A 1 1  ? -8.303  -0.292  3.962   1.00 0.00 ? 1  G A N7     1 
ATOM 13  C C5     . G A 1 1  ? -7.572  0.751   4.519   1.00 0.00 ? 1  G A C5     1 
ATOM 14  C C6     . G A 1 1  ? -6.185  0.831   4.869   1.00 0.00 ? 1  G A C6     1 
ATOM 15  O O6     . G A 1 1  ? -5.333  -0.044  4.751   1.00 0.00 ? 1  G A O6     1 
ATOM 16  N N1     . G A 1 1  ? -5.827  2.079   5.398   1.00 0.00 ? 1  G A N1     1 
ATOM 17  C C2     . G A 1 1  ? -6.713  3.141   5.564   1.00 0.00 ? 1  G A C2     1 
ATOM 18  N N2     . G A 1 1  ? -6.229  4.280   6.075   1.00 0.00 ? 1  G A N2     1 
ATOM 19  N N3     . G A 1 1  ? -8.019  3.056   5.244   1.00 0.00 ? 1  G A N3     1 
ATOM 20  C C4     . G A 1 1  ? -8.385  1.842   4.732   1.00 0.00 ? 1  G A C4     1 
ATOM 21  H "H5'"  . G A 1 1  ? -12.932 1.233   0.930   1.00 0.00 ? 1  G A "H5'"  1 
ATOM 22  H "H5''" . G A 1 1  ? -12.258 0.066   2.072   1.00 0.00 ? 1  G A "H5''" 1 
ATOM 23  H "H4'"  . G A 1 1  ? -13.403 2.712   3.089   1.00 0.00 ? 1  G A "H4'"  1 
ATOM 24  H "H3'"  . G A 1 1  ? -10.750 2.154   1.753   1.00 0.00 ? 1  G A "H3'"  1 
ATOM 25  H "H2'"  . G A 1 1  ? -9.715  3.752   3.185   1.00 0.00 ? 1  G A "H2'"  1 
ATOM 26  H "HO2'" . G A 1 1  ? -11.547 5.236   3.236   1.00 0.00 ? 1  G A "HO2'" 1 
ATOM 27  H "H1'"  . G A 1 1  ? -10.899 2.721   5.463   1.00 0.00 ? 1  G A "H1'"  1 
ATOM 28  H H8     . G A 1 1  ? -10.335 -0.389  3.477   1.00 0.00 ? 1  G A H8     1 
ATOM 29  H H1     . G A 1 1  ? -4.863  2.211   5.657   1.00 0.00 ? 1  G A H1     1 
ATOM 30  H H21    . G A 1 1  ? -5.258  4.348   6.338   1.00 0.00 ? 1  G A H21    1 
ATOM 31  H H22    . G A 1 1  ? -6.838  5.078   6.187   1.00 0.00 ? 1  G A H22    1 
ATOM 32  H "HO5'" . G A 1 1  ? -14.281 0.012   3.086   1.00 0.00 ? 1  G A "HO5'" 1 
ATOM 33  P P      . C A 1 2  ? -11.168 4.256   -0.007  1.00 0.00 ? 2  C A P      1 
ATOM 34  O OP1    . C A 1 2  ? -11.996 5.227   -0.757  1.00 0.00 ? 2  C A OP1    1 
ATOM 35  O OP2    . C A 1 2  ? -10.642 3.053   -0.693  1.00 0.00 ? 2  C A OP2    1 
ATOM 36  O "O5'"  . C A 1 2  ? -9.932  5.037   0.660   1.00 0.00 ? 2  C A "O5'"  1 
ATOM 37  C "C5'"  . C A 1 2  ? -10.068 6.319   1.245   1.00 0.00 ? 2  C A "C5'"  1 
ATOM 38  C "C4'"  . C A 1 2  ? -8.739  6.723   1.889   1.00 0.00 ? 2  C A "C4'"  1 
ATOM 39  O "O4'"  . C A 1 2  ? -8.266  5.798   2.850   1.00 0.00 ? 2  C A "O4'"  1 
ATOM 40  C "C3'"  . C A 1 2  ? -7.651  6.796   0.832   1.00 0.00 ? 2  C A "C3'"  1 
ATOM 41  O "O3'"  . C A 1 2  ? -7.839  7.962   0.047   1.00 0.00 ? 2  C A "O3'"  1 
ATOM 42  C "C2'"  . C A 1 2  ? -6.400  6.763   1.704   1.00 0.00 ? 2  C A "C2'"  1 
ATOM 43  O "O2'"  . C A 1 2  ? -6.103  8.044   2.222   1.00 0.00 ? 2  C A "O2'"  1 
ATOM 44  C "C1'"  . C A 1 2  ? -6.842  5.802   2.823   1.00 0.00 ? 2  C A "C1'"  1 
ATOM 45  N N1     . C A 1 2  ? -6.277  4.437   2.583   1.00 0.00 ? 2  C A N1     1 
ATOM 46  C C2     . C A 1 2  ? -4.958  4.199   3.002   1.00 0.00 ? 2  C A C2     1 
ATOM 47  O O2     . C A 1 2  ? -4.308  5.076   3.567   1.00 0.00 ? 2  C A O2     1 
ATOM 48  N N3     . C A 1 2  ? -4.412  2.967   2.770   1.00 0.00 ? 2  C A N3     1 
ATOM 49  C C4     . C A 1 2  ? -5.099  1.994   2.142   1.00 0.00 ? 2  C A C4     1 
ATOM 50  N N4     . C A 1 2  ? -4.510  0.806   1.954   1.00 0.00 ? 2  C A N4     1 
ATOM 51  C C5     . C A 1 2  ? -6.446  2.218   1.681   1.00 0.00 ? 2  C A C5     1 
ATOM 52  C C6     . C A 1 2  ? -6.982  3.445   1.918   1.00 0.00 ? 2  C A C6     1 
ATOM 53  H "H5'"  . C A 1 2  ? -10.855 6.351   1.992   1.00 0.00 ? 2  C A "H5'"  1 
ATOM 54  H "H5''" . C A 1 2  ? -10.318 7.042   0.467   1.00 0.00 ? 2  C A "H5''" 1 
ATOM 55  H "H4'"  . C A 1 2  ? -8.850  7.692   2.381   1.00 0.00 ? 2  C A "H4'"  1 
ATOM 56  H "H3'"  . C A 1 2  ? -7.666  5.892   0.217   1.00 0.00 ? 2  C A "H3'"  1 
ATOM 57  H "H2'"  . C A 1 2  ? -5.536  6.395   1.149   1.00 0.00 ? 2  C A "H2'"  1 
ATOM 58  H "HO2'" . C A 1 2  ? -5.907  8.625   1.482   1.00 0.00 ? 2  C A "HO2'" 1 
ATOM 59  H "H1'"  . C A 1 2  ? -6.512  6.175   3.796   1.00 0.00 ? 2  C A "H1'"  1 
ATOM 60  H H41    . C A 1 2  ? -3.565  0.668   2.275   1.00 0.00 ? 2  C A H41    1 
ATOM 61  H H42    . C A 1 2  ? -5.011  0.046   1.517   1.00 0.00 ? 2  C A H42    1 
ATOM 62  H H5     . C A 1 2  ? -7.032  1.466   1.171   1.00 0.00 ? 2  C A H5     1 
ATOM 63  H H6     . C A 1 2  ? -7.983  3.633   1.567   1.00 0.00 ? 2  C A H6     1 
ATOM 64  P P      . G A 1 3  ? -7.079  8.173   -1.350  1.00 0.00 ? 3  G A P      1 
ATOM 65  O OP1    . G A 1 3  ? -7.461  9.487   -1.908  1.00 0.00 ? 3  G A OP1    1 
ATOM 66  O OP2    . G A 1 3  ? -7.243  6.944   -2.161  1.00 0.00 ? 3  G A OP2    1 
ATOM 67  O "O5'"  . G A 1 3  ? -5.563  8.269   -0.829  1.00 0.00 ? 3  G A "O5'"  1 
ATOM 68  C "C5'"  . G A 1 3  ? -4.483  7.919   -1.659  1.00 0.00 ? 3  G A "C5'"  1 
ATOM 69  C "C4'"  . G A 1 3  ? -3.172  8.021   -0.878  1.00 0.00 ? 3  G A "C4'"  1 
ATOM 70  O "O4'"  . G A 1 3  ? -3.201  7.281   0.332   1.00 0.00 ? 3  G A "O4'"  1 
ATOM 71  C "C3'"  . G A 1 3  ? -2.056  7.427   -1.730  1.00 0.00 ? 3  G A "C3'"  1 
ATOM 72  O "O3'"  . G A 1 3  ? -1.521  8.380   -2.634  1.00 0.00 ? 3  G A "O3'"  1 
ATOM 73  C "C2'"  . G A 1 3  ? -1.069  6.971   -0.666  1.00 0.00 ? 3  G A "C2'"  1 
ATOM 74  O "O2'"  . G A 1 3  ? -0.296  8.051   -0.182  1.00 0.00 ? 3  G A "O2'"  1 
ATOM 75  C "C1'"  . G A 1 3  ? -2.036  6.477   0.419   1.00 0.00 ? 3  G A "C1'"  1 
ATOM 76  N N9     . G A 1 3  ? -2.378  5.052   0.193   1.00 0.00 ? 3  G A N9     1 
ATOM 77  C C8     . G A 1 3  ? -3.561  4.461   -0.188  1.00 0.00 ? 3  G A C8     1 
ATOM 78  N N7     . G A 1 3  ? -3.500  3.163   -0.296  1.00 0.00 ? 3  G A N7     1 
ATOM 79  C C5     . G A 1 3  ? -2.185  2.866   0.035   1.00 0.00 ? 3  G A C5     1 
ATOM 80  C C6     . G A 1 3  ? -1.508  1.605   0.094   1.00 0.00 ? 3  G A C6     1 
ATOM 81  O O6     . G A 1 3  ? -1.983  0.491   -0.096  1.00 0.00 ? 3  G A O6     1 
ATOM 82  N N1     . G A 1 3  ? -0.146  1.738   0.408   1.00 0.00 ? 3  G A N1     1 
ATOM 83  C C2     . G A 1 3  ? 0.490   2.951   0.648   1.00 0.00 ? 3  G A C2     1 
ATOM 84  N N2     . G A 1 3  ? 1.791   2.930   0.960   1.00 0.00 ? 3  G A N2     1 
ATOM 85  N N3     . G A 1 3  ? -0.159  4.130   0.610   1.00 0.00 ? 3  G A N3     1 
ATOM 86  C C4     . G A 1 3  ? -1.486  4.019   0.300   1.00 0.00 ? 3  G A C4     1 
ATOM 87  H "H5'"  . G A 1 3  ? -4.444  8.597   -2.512  1.00 0.00 ? 3  G A "H5'"  1 
ATOM 88  H "H5''" . G A 1 3  ? -4.616  6.896   -2.020  1.00 0.00 ? 3  G A "H5''" 1 
ATOM 89  H "H4'"  . G A 1 3  ? -2.956  9.062   -0.624  1.00 0.00 ? 3  G A "H4'"  1 
ATOM 90  H "H3'"  . G A 1 3  ? -2.430  6.536   -2.243  1.00 0.00 ? 3  G A "H3'"  1 
ATOM 91  H "H2'"  . G A 1 3  ? -0.411  6.196   -1.053  1.00 0.00 ? 3  G A "H2'"  1 
ATOM 92  H "HO2'" . G A 1 3  ? 0.108   8.486   -0.937  1.00 0.00 ? 3  G A "HO2'" 1 
ATOM 93  H "H1'"  . G A 1 3  ? -1.592  6.571   1.413   1.00 0.00 ? 3  G A "H1'"  1 
ATOM 94  H H8     . G A 1 3  ? -4.468  5.009   -0.387  1.00 0.00 ? 3  G A H8     1 
ATOM 95  H H1     . G A 1 3  ? 0.391   0.888   0.471   1.00 0.00 ? 3  G A H1     1 
ATOM 96  H H21    . G A 1 3  ? 2.287   2.054   1.028   1.00 0.00 ? 3  G A H21    1 
ATOM 97  H H22    . G A 1 3  ? 2.276   3.798   1.140   1.00 0.00 ? 3  G A H22    1 
ATOM 98  P P      . U A 1 4  ? -1.064  7.965   -4.123  1.00 0.00 ? 4  U A P      1 
ATOM 99  O OP1    . U A 1 4  ? -0.341  9.108   -4.725  1.00 0.00 ? 4  U A OP1    1 
ATOM 100 O OP2    . U A 1 4  ? -2.237  7.388   -4.819  1.00 0.00 ? 4  U A OP2    1 
ATOM 101 O "O5'"  . U A 1 4  ? -0.012  6.775   -3.840  1.00 0.00 ? 4  U A "O5'"  1 
ATOM 102 C "C5'"  . U A 1 4  ? 1.295   7.020   -3.351  1.00 0.00 ? 4  U A "C5'"  1 
ATOM 103 C "C4'"  . U A 1 4  ? 2.042   5.697   -3.148  1.00 0.00 ? 4  U A "C4'"  1 
ATOM 104 O "O4'"  . U A 1 4  ? 1.427   4.858   -2.184  1.00 0.00 ? 4  U A "O4'"  1 
ATOM 105 C "C3'"  . U A 1 4  ? 2.091   4.858   -4.420  1.00 0.00 ? 4  U A "C3'"  1 
ATOM 106 O "O3'"  . U A 1 4  ? 2.998   5.392   -5.372  1.00 0.00 ? 4  U A "O3'"  1 
ATOM 107 C "C2'"  . U A 1 4  ? 2.480   3.504   -3.834  1.00 0.00 ? 4  U A "C2'"  1 
ATOM 108 O "O2'"  . U A 1 4  ? 3.856   3.438   -3.532  1.00 0.00 ? 4  U A "O2'"  1 
ATOM 109 C "C1'"  . U A 1 4  ? 1.687   3.499   -2.520  1.00 0.00 ? 4  U A "C1'"  1 
ATOM 110 N N1     . U A 1 4  ? 0.449   2.683   -2.693  1.00 0.00 ? 4  U A N1     1 
ATOM 111 C C2     . U A 1 4  ? 0.602   1.289   -2.663  1.00 0.00 ? 4  U A C2     1 
ATOM 112 O O2     . U A 1 4  ? 1.684   0.748   -2.444  1.00 0.00 ? 4  U A O2     1 
ATOM 113 N N3     . U A 1 4  ? -0.541  0.531   -2.905  1.00 0.00 ? 4  U A N3     1 
ATOM 114 C C4     . U A 1 4  ? -1.811  1.039   -3.181  1.00 0.00 ? 4  U A C4     1 
ATOM 115 O O4     . U A 1 4  ? -2.756  0.275   -3.356  1.00 0.00 ? 4  U A O4     1 
ATOM 116 C C5     . U A 1 4  ? -1.879  2.494   -3.226  1.00 0.00 ? 4  U A C5     1 
ATOM 117 C C6     . U A 1 4  ? -0.778  3.255   -2.988  1.00 0.00 ? 4  U A C6     1 
ATOM 118 H "H5'"  . U A 1 4  ? 1.267   7.563   -2.407  1.00 0.00 ? 4  U A "H5'"  1 
ATOM 119 H "H5''" . U A 1 4  ? 1.842   7.615   -4.084  1.00 0.00 ? 4  U A "H5''" 1 
ATOM 120 H "H4'"  . U A 1 4  ? 3.060   5.912   -2.813  1.00 0.00 ? 4  U A "H4'"  1 
ATOM 121 H "H3'"  . U A 1 4  ? 1.086   4.781   -4.844  1.00 0.00 ? 4  U A "H3'"  1 
ATOM 122 H "H2'"  . U A 1 4  ? 2.216   2.692   -4.509  1.00 0.00 ? 4  U A "H2'"  1 
ATOM 123 H "HO2'" . U A 1 4  ? 4.334   3.679   -4.322  1.00 0.00 ? 4  U A "HO2'" 1 
ATOM 124 H "H1'"  . U A 1 4  ? 2.293   3.075   -1.716  1.00 0.00 ? 4  U A "H1'"  1 
ATOM 125 H H3     . U A 1 4  ? -0.442  -0.472  -2.883  1.00 0.00 ? 4  U A H3     1 
ATOM 126 H H5     . U A 1 4  ? -2.821  2.977   -3.442  1.00 0.00 ? 4  U A H5     1 
ATOM 127 H H6     . U A 1 4  ? -0.875  4.328   -3.037  1.00 0.00 ? 4  U A H6     1 
ATOM 128 P P      . C A 1 5  ? 3.070   4.837   -6.886  1.00 0.00 ? 5  C A P      1 
ATOM 129 O OP1    . C A 1 5  ? 4.008   5.689   -7.651  1.00 0.00 ? 5  C A OP1    1 
ATOM 130 O OP2    . C A 1 5  ? 1.687   4.647   -7.379  1.00 0.00 ? 5  C A OP2    1 
ATOM 131 O "O5'"  . C A 1 5  ? 3.735   3.381   -6.686  1.00 0.00 ? 5  C A "O5'"  1 
ATOM 132 C "C5'"  . C A 1 5  ? 5.132   3.185   -6.522  1.00 0.00 ? 5  C A "C5'"  1 
ATOM 133 C "C4'"  . C A 1 5  ? 5.432   1.680   -6.434  1.00 0.00 ? 5  C A "C4'"  1 
ATOM 134 O "O4'"  . C A 1 5  ? 4.737   0.989   -5.407  1.00 0.00 ? 5  C A "O4'"  1 
ATOM 135 C "C3'"  . C A 1 5  ? 4.994   0.985   -7.713  1.00 0.00 ? 5  C A "C3'"  1 
ATOM 136 O "O3'"  . C A 1 5  ? 5.867   1.329   -8.775  1.00 0.00 ? 5  C A "O3'"  1 
ATOM 137 C "C2'"  . C A 1 5  ? 5.014   -0.477  -7.282  1.00 0.00 ? 5  C A "C2'"  1 
ATOM 138 O "O2'"  . C A 1 5  ? 6.313   -1.025  -7.367  1.00 0.00 ? 5  C A "O2'"  1 
ATOM 139 C "C1'"  . C A 1 5  ? 4.553   -0.370  -5.814  1.00 0.00 ? 5  C A "C1'"  1 
ATOM 140 N N1     . C A 1 5  ? 3.124   -0.806  -5.691  1.00 0.00 ? 5  C A N1     1 
ATOM 141 C C2     . C A 1 5  ? 2.845   -2.172  -5.495  1.00 0.00 ? 5  C A C2     1 
ATOM 142 O O2     . C A 1 5  ? 3.748   -2.996  -5.391  1.00 0.00 ? 5  C A O2     1 
ATOM 143 N N3     . C A 1 5  ? 1.541   -2.575  -5.403  1.00 0.00 ? 5  C A N3     1 
ATOM 144 C C4     . C A 1 5  ? 0.527   -1.695  -5.508  1.00 0.00 ? 5  C A C4     1 
ATOM 145 N N4     . C A 1 5  ? -0.727  -2.145  -5.362  1.00 0.00 ? 5  C A N4     1 
ATOM 146 C C5     . C A 1 5  ? 0.780   -0.298  -5.769  1.00 0.00 ? 5  C A C5     1 
ATOM 147 C C6     . C A 1 5  ? 2.081   0.089   -5.858  1.00 0.00 ? 5  C A C6     1 
ATOM 148 H "H5'"  . C A 1 5  ? 5.531   3.701   -5.650  1.00 0.00 ? 5  C A "H5'"  1 
ATOM 149 H "H5''" . C A 1 5  ? 5.651   3.585   -7.395  1.00 0.00 ? 5  C A "H5''" 1 
ATOM 150 H "H4'"  . C A 1 5  ? 6.504   1.537   -6.278  1.00 0.00 ? 5  C A "H4'"  1 
ATOM 151 H "H3'"  . C A 1 5  ? 3.961   1.263   -7.937  1.00 0.00 ? 5  C A "H3'"  1 
ATOM 152 H "H2'"  . C A 1 5  ? 4.346   -1.075  -7.899  1.00 0.00 ? 5  C A "H2'"  1 
ATOM 153 H "HO2'" . C A 1 5  ? 6.533   -1.109  -8.298  1.00 0.00 ? 5  C A "HO2'" 1 
ATOM 154 H "H1'"  . C A 1 5  ? 5.191   -0.983  -5.173  1.00 0.00 ? 5  C A "H1'"  1 
ATOM 155 H H41    . C A 1 5  ? -0.887  -3.125  -5.177  1.00 0.00 ? 5  C A H41    1 
ATOM 156 H H42    . C A 1 5  ? -1.506  -1.505  -5.420  1.00 0.00 ? 5  C A H42    1 
ATOM 157 H H5     . C A 1 5  ? -0.002  0.438   -5.892  1.00 0.00 ? 5  C A H5     1 
ATOM 158 H H6     . C A 1 5  ? 2.294   1.120   -6.084  1.00 0.00 ? 5  C A H6     1 
ATOM 159 P P      . A A 1 6  ? 5.442   1.165   -10.317 1.00 0.00 ? 6  A A P      1 
ATOM 160 O OP1    . A A 1 6  ? 6.515   1.750   -11.152 1.00 0.00 ? 6  A A OP1    1 
ATOM 161 O OP2    . A A 1 6  ? 4.047   1.636   -10.476 1.00 0.00 ? 6  A A OP2    1 
ATOM 162 O "O5'"  . A A 1 6  ? 5.468   -0.430  -10.513 1.00 0.00 ? 6  A A "O5'"  1 
ATOM 163 C "C5'"  . A A 1 6  ? 5.068   -1.015  -11.736 1.00 0.00 ? 6  A A "C5'"  1 
ATOM 164 C "C4'"  . A A 1 6  ? 5.234   -2.534  -11.692 1.00 0.00 ? 6  A A "C4'"  1 
ATOM 165 O "O4'"  . A A 1 6  ? 6.589   -2.912  -11.528 1.00 0.00 ? 6  A A "O4'"  1 
ATOM 166 C "C3'"  . A A 1 6  ? 4.497   -3.202  -10.535 1.00 0.00 ? 6  A A "C3'"  1 
ATOM 167 O "O3'"  . A A 1 6  ? 3.090   -3.227  -10.747 1.00 0.00 ? 6  A A "O3'"  1 
ATOM 168 C "C2'"  . A A 1 6  ? 5.171   -4.572  -10.588 1.00 0.00 ? 6  A A "C2'"  1 
ATOM 169 O "O2'"  . A A 1 6  ? 4.620   -5.370  -11.620 1.00 0.00 ? 6  A A "O2'"  1 
ATOM 170 C "C1'"  . A A 1 6  ? 6.623   -4.200  -10.930 1.00 0.00 ? 6  A A "C1'"  1 
ATOM 171 N N9     . A A 1 6  ? 7.480   -4.207  -9.718  1.00 0.00 ? 6  A A N9     1 
ATOM 172 C C8     . A A 1 6  ? 8.081   -3.161  -9.058  1.00 0.00 ? 6  A A C8     1 
ATOM 173 N N7     . A A 1 6  ? 8.869   -3.521  -8.083  1.00 0.00 ? 6  A A N7     1 
ATOM 174 C C5     . A A 1 6  ? 8.781   -4.908  -8.080  1.00 0.00 ? 6  A A C5     1 
ATOM 175 C C6     . A A 1 6  ? 9.390   -5.924  -7.295  1.00 0.00 ? 6  A A C6     1 
ATOM 176 N N6     . A A 1 6  ? 10.276  -5.661  -6.327  1.00 0.00 ? 6  A A N6     1 
ATOM 177 N N1     . A A 1 6  ? 9.047   -7.219  -7.523  1.00 0.00 ? 6  A A N1     1 
ATOM 178 C C2     . A A 1 6  ? 8.159   -7.494  -8.486  1.00 0.00 ? 6  A A C2     1 
ATOM 179 N N3     . A A 1 6  ? 7.541   -6.633  -9.304  1.00 0.00 ? 6  A A N3     1 
ATOM 180 C C4     . A A 1 6  ? 7.899   -5.336  -9.050  1.00 0.00 ? 6  A A C4     1 
ATOM 181 H "H5'"  . A A 1 6  ? 5.674   -0.619  -12.552 1.00 0.00 ? 6  A A "H5'"  1 
ATOM 182 H "H5''" . A A 1 6  ? 4.018   -0.784  -11.923 1.00 0.00 ? 6  A A "H5''" 1 
ATOM 183 H "H4'"  . A A 1 6  ? 4.879   -2.946  -12.640 1.00 0.00 ? 6  A A "H4'"  1 
ATOM 184 H "H3'"  . A A 1 6  ? 4.760   -2.707  -9.597  1.00 0.00 ? 6  A A "H3'"  1 
ATOM 185 H "H2'"  . A A 1 6  ? 5.094   -5.090  -9.639  1.00 0.00 ? 6  A A "H2'"  1 
ATOM 186 H "HO2'" . A A 1 6  ? 5.323   -5.877  -12.033 1.00 0.00 ? 6  A A "HO2'" 1 
ATOM 187 H "H1'"  . A A 1 6  ? 7.053   -4.905  -11.645 1.00 0.00 ? 6  A A "H1'"  1 
ATOM 188 H H8     . A A 1 6  ? 7.938   -2.128  -9.337  1.00 0.00 ? 6  A A H8     1 
ATOM 189 H H61    . A A 1 6  ? 10.657  -6.415  -5.774  1.00 0.00 ? 6  A A H61    1 
ATOM 190 H H62    . A A 1 6  ? 10.517  -4.704  -6.113  1.00 0.00 ? 6  A A H62    1 
ATOM 191 H H2     . A A 1 6  ? 7.914   -8.537  -8.626  1.00 0.00 ? 6  A A H2     1 
ATOM 192 P P      . A A 1 7  ? 2.034   -3.329  -9.526  1.00 0.00 ? 7  A A P      1 
ATOM 193 O OP1    . A A 1 7  ? 0.695   -3.608  -10.092 1.00 0.00 ? 7  A A OP1    1 
ATOM 194 O OP2    . A A 1 7  ? 2.222   -2.154  -8.648  1.00 0.00 ? 7  A A OP2    1 
ATOM 195 O "O5'"  . A A 1 7  ? 2.537   -4.640  -8.730  1.00 0.00 ? 7  A A "O5'"  1 
ATOM 196 C "C5'"  . A A 1 7  ? 2.254   -5.956  -9.176  1.00 0.00 ? 7  A A "C5'"  1 
ATOM 197 C "C4'"  . A A 1 7  ? 2.935   -6.985  -8.264  1.00 0.00 ? 7  A A "C4'"  1 
ATOM 198 O "O4'"  . A A 1 7  ? 4.345   -6.895  -8.273  1.00 0.00 ? 7  A A "O4'"  1 
ATOM 199 C "C3'"  . A A 1 7  ? 2.515   -6.797  -6.813  1.00 0.00 ? 7  A A "C3'"  1 
ATOM 200 O "O3'"  . A A 1 7  ? 1.235   -7.381  -6.644  1.00 0.00 ? 7  A A "O3'"  1 
ATOM 201 C "C2'"  . A A 1 7  ? 3.647   -7.488  -6.060  1.00 0.00 ? 7  A A "C2'"  1 
ATOM 202 O "O2'"  . A A 1 7  ? 3.446   -8.882  -5.941  1.00 0.00 ? 7  A A "O2'"  1 
ATOM 203 C "C1'"  . A A 1 7  ? 4.846   -7.220  -6.985  1.00 0.00 ? 7  A A "C1'"  1 
ATOM 204 N N9     . A A 1 7  ? 5.663   -6.105  -6.454  1.00 0.00 ? 7  A A N9     1 
ATOM 205 C C8     . A A 1 7  ? 5.597   -4.757  -6.718  1.00 0.00 ? 7  A A C8     1 
ATOM 206 N N7     . A A 1 7  ? 6.420   -4.031  -6.015  1.00 0.00 ? 7  A A N7     1 
ATOM 207 C C5     . A A 1 7  ? 7.093   -4.959  -5.231  1.00 0.00 ? 7  A A C5     1 
ATOM 208 C C6     . A A 1 7  ? 8.131   -4.856  -4.267  1.00 0.00 ? 7  A A C6     1 
ATOM 209 N N6     . A A 1 7  ? 8.685   -3.687  -3.923  1.00 0.00 ? 7  A A N6     1 
ATOM 210 N N1     . A A 1 7  ? 8.607   -5.993  -3.696  1.00 0.00 ? 7  A A N1     1 
ATOM 211 C C2     . A A 1 7  ? 8.086   -7.171  -4.063  1.00 0.00 ? 7  A A C2     1 
ATOM 212 N N3     . A A 1 7  ? 7.101   -7.395  -4.941  1.00 0.00 ? 7  A A N3     1 
ATOM 213 C C4     . A A 1 7  ? 6.643   -6.233  -5.503  1.00 0.00 ? 7  A A C4     1 
ATOM 214 H "H5'"  . A A 1 7  ? 2.586   -6.103  -10.203 1.00 0.00 ? 7  A A "H5'"  1 
ATOM 215 H "H5''" . A A 1 7  ? 1.175   -6.117  -9.131  1.00 0.00 ? 7  A A "H5''" 1 
ATOM 216 H "H4'"  . A A 1 7  ? 2.674   -7.993  -8.597  1.00 0.00 ? 7  A A "H4'"  1 
ATOM 217 H "H3'"  . A A 1 7  ? 2.544   -5.738  -6.547  1.00 0.00 ? 7  A A "H3'"  1 
ATOM 218 H "H2'"  . A A 1 7  ? 3.760   -7.053  -5.067  1.00 0.00 ? 7  A A "H2'"  1 
ATOM 219 H "HO2'" . A A 1 7  ? 2.512   -9.065  -6.062  1.00 0.00 ? 7  A A "HO2'" 1 
ATOM 220 H "H1'"  . A A 1 7  ? 5.475   -8.108  -7.075  1.00 0.00 ? 7  A A "H1'"  1 
ATOM 221 H H8     . A A 1 7  ? 4.912   -4.323  -7.430  1.00 0.00 ? 7  A A H8     1 
ATOM 222 H H61    . A A 1 7  ? 9.435   -3.666  -3.247  1.00 0.00 ? 7  A A H61    1 
ATOM 223 H H62    . A A 1 7  ? 8.366   -2.832  -4.355  1.00 0.00 ? 7  A A H62    1 
ATOM 224 H H2     . A A 1 7  ? 8.482   -8.046  -3.569  1.00 0.00 ? 7  A A H2     1 
ATOM 225 P P      . U A 1 8  ? 0.056   -6.662  -5.818  1.00 0.00 ? 8  U A P      1 
ATOM 226 O OP1    . U A 1 8  ? -1.201  -7.400  -6.078  1.00 0.00 ? 8  U A OP1    1 
ATOM 227 O OP2    . U A 1 8  ? 0.114   -5.204  -6.065  1.00 0.00 ? 8  U A OP2    1 
ATOM 228 O "O5'"  . U A 1 8  ? 0.516   -6.950  -4.300  1.00 0.00 ? 8  U A "O5'"  1 
ATOM 229 C "C5'"  . U A 1 8  ? 0.684   -8.270  -3.803  1.00 0.00 ? 8  U A "C5'"  1 
ATOM 230 C "C4'"  . U A 1 8  ? 0.401   -8.264  -2.298  1.00 0.00 ? 8  U A "C4'"  1 
ATOM 231 O "O4'"  . U A 1 8  ? -0.944  -7.858  -2.156  1.00 0.00 ? 8  U A "O4'"  1 
ATOM 232 C "C3'"  . U A 1 8  ? 0.566   -9.644  -1.636  1.00 0.00 ? 8  U A "C3'"  1 
ATOM 233 O "O3'"  . U A 1 8  ? 1.583   -9.676  -0.646  1.00 0.00 ? 8  U A "O3'"  1 
ATOM 234 C "C2'"  . U A 1 8  ? -0.789  -9.927  -0.989  1.00 0.00 ? 8  U A "C2'"  1 
ATOM 235 O "O2'"  . U A 1 8  ? -0.752  -10.318 0.373   1.00 0.00 ? 8  U A "O2'"  1 
ATOM 236 C "C1'"  . U A 1 8  ? -1.577  -8.625  -1.163  1.00 0.00 ? 8  U A "C1'"  1 
ATOM 237 N N1     . U A 1 8  ? -2.955  -8.974  -1.594  1.00 0.00 ? 8  U A N1     1 
ATOM 238 C C2     . U A 1 8  ? -3.970  -8.980  -0.628  1.00 0.00 ? 8  U A C2     1 
ATOM 239 O O2     . U A 1 8  ? -3.816  -8.543  0.512   1.00 0.00 ? 8  U A O2     1 
ATOM 240 N N3     . U A 1 8  ? -5.187  -9.535  -1.019  1.00 0.00 ? 8  U A N3     1 
ATOM 241 C C4     . U A 1 8  ? -5.460  -10.112 -2.263  1.00 0.00 ? 8  U A C4     1 
ATOM 242 O O4     . U A 1 8  ? -6.571  -10.578 -2.499  1.00 0.00 ? 8  U A O4     1 
ATOM 243 C C5     . U A 1 8  ? -4.338  -10.106 -3.191  1.00 0.00 ? 8  U A C5     1 
ATOM 244 C C6     . U A 1 8  ? -3.153  -9.544  -2.843  1.00 0.00 ? 8  U A C6     1 
ATOM 245 H "H5'"  . U A 1 8  ? 1.699   -8.615  -3.998  1.00 0.00 ? 8  U A "H5'"  1 
ATOM 246 H "H5''" . U A 1 8  ? -0.016  -8.963  -4.279  1.00 0.00 ? 8  U A "H5''" 1 
ATOM 247 H "H4'"  . U A 1 8  ? 1.027   -7.540  -1.785  1.00 0.00 ? 8  U A "H4'"  1 
ATOM 248 H "H3'"  . U A 1 8  ? 0.739   -10.410 -2.395  1.00 0.00 ? 8  U A "H3'"  1 
ATOM 249 H "H2'"  . U A 1 8  ? -1.232  -10.758 -1.541  1.00 0.00 ? 8  U A "H2'"  1 
ATOM 250 H "HO2'" . U A 1 8  ? -0.851  -9.538  0.923   1.00 0.00 ? 8  U A "HO2'" 1 
ATOM 251 H "H1'"  . U A 1 8  ? -1.537  -8.018  -0.256  1.00 0.00 ? 8  U A "H1'"  1 
ATOM 252 H H3     . U A 1 8  ? -5.927  -9.541  -0.334  1.00 0.00 ? 8  U A H3     1 
ATOM 253 H H5     . U A 1 8  ? -4.437  -10.570 -4.162  1.00 0.00 ? 8  U A H5     1 
ATOM 254 H H6     . U A 1 8  ? -2.329  -9.594  -3.543  1.00 0.00 ? 8  U A H6     1 
ATOM 255 P P      . U A 1 9  ? 3.129   -9.944  -1.003  1.00 0.00 ? 9  U A P      1 
ATOM 256 O OP1    . U A 1 9  ? 3.203   -10.852 -2.170  1.00 0.00 ? 9  U A OP1    1 
ATOM 257 O OP2    . U A 1 9  ? 3.829   -10.302 0.251   1.00 0.00 ? 9  U A OP2    1 
ATOM 258 O "O5'"  . U A 1 9  ? 3.633   -8.489  -1.462  1.00 0.00 ? 9  U A "O5'"  1 
ATOM 259 C "C5'"  . U A 1 9  ? 4.899   -8.316  -2.062  1.00 0.00 ? 9  U A "C5'"  1 
ATOM 260 C "C4'"  . U A 1 9  ? 5.308   -6.842  -2.044  1.00 0.00 ? 9  U A "C4'"  1 
ATOM 261 O "O4'"  . U A 1 9  ? 4.593   -6.033  -2.958  1.00 0.00 ? 9  U A "O4'"  1 
ATOM 262 C "C3'"  . U A 1 9  ? 5.121   -6.159  -0.697  1.00 0.00 ? 9  U A "C3'"  1 
ATOM 263 O "O3'"  . U A 1 9  ? 6.036   -6.657  0.268   1.00 0.00 ? 9  U A "O3'"  1 
ATOM 264 C "C2'"  . U A 1 9  ? 5.347   -4.711  -1.134  1.00 0.00 ? 9  U A "C2'"  1 
ATOM 265 O "O2'"  . U A 1 9  ? 6.721   -4.402  -1.284  1.00 0.00 ? 9  U A "O2'"  1 
ATOM 266 C "C1'"  . U A 1 9  ? 4.651   -4.683  -2.506  1.00 0.00 ? 9  U A "C1'"  1 
ATOM 267 N N1     . U A 1 9  ? 3.299   -4.059  -2.389  1.00 0.00 ? 9  U A N1     1 
ATOM 268 C C2     . U A 1 9  ? 3.212   -2.658  -2.406  1.00 0.00 ? 9  U A C2     1 
ATOM 269 O O2     . U A 1 9  ? 4.197   -1.924  -2.478  1.00 0.00 ? 9  U A O2     1 
ATOM 270 N N3     . U A 1 9  ? 1.927   -2.119  -2.353  1.00 0.00 ? 9  U A N3     1 
ATOM 271 C C4     . U A 1 9  ? 0.738   -2.844  -2.243  1.00 0.00 ? 9  U A C4     1 
ATOM 272 O O4     . U A 1 9  ? -0.345  -2.270  -2.229  1.00 0.00 ? 9  U A O4     1 
ATOM 273 C C5     . U A 1 9  ? 0.924   -4.282  -2.147  1.00 0.00 ? 9  U A C5     1 
ATOM 274 C C6     . U A 1 9  ? 2.163   -4.829  -2.221  1.00 0.00 ? 9  U A C6     1 
ATOM 275 H "H5'"  . U A 1 9  ? 4.878   -8.693  -3.086  1.00 0.00 ? 9  U A "H5'"  1 
ATOM 276 H "H5''" . U A 1 9  ? 5.651   -8.872  -1.497  1.00 0.00 ? 9  U A "H5''" 1 
ATOM 277 H "H4'"  . U A 1 9  ? 6.360   -6.792  -2.297  1.00 0.00 ? 9  U A "H4'"  1 
ATOM 278 H "H3'"  . U A 1 9  ? 4.085   -6.276  -0.368  1.00 0.00 ? 9  U A "H3'"  1 
ATOM 279 H "H2'"  . U A 1 9  ? 4.899   -4.022  -0.429  1.00 0.00 ? 9  U A "H2'"  1 
ATOM 280 H "HO2'" . U A 1 9  ? 7.005   -4.684  -2.156  1.00 0.00 ? 9  U A "HO2'" 1 
ATOM 281 H "H1'"  . U A 1 9  ? 5.243   -4.127  -3.236  1.00 0.00 ? 9  U A "H1'"  1 
ATOM 282 H H3     . U A 1 9  ? 1.851   -1.117  -2.423  1.00 0.00 ? 9  U A H3     1 
ATOM 283 H H5     . U A 1 9  ? 0.060   -4.920  -2.016  1.00 0.00 ? 9  U A H5     1 
ATOM 284 H H6     . U A 1 9  ? 2.271   -5.895  -2.145  1.00 0.00 ? 9  U A H6     1 
ATOM 285 P P      . C A 1 10 ? 5.777   -6.504  1.857   1.00 0.00 ? 10 C A P      1 
ATOM 286 O OP1    . C A 1 10 ? 6.923   -7.112  2.571   1.00 0.00 ? 10 C A OP1    1 
ATOM 287 O OP2    . C A 1 10 ? 4.402   -6.968  2.151   1.00 0.00 ? 10 C A OP2    1 
ATOM 288 O "O5'"  . C A 1 10 ? 5.832   -4.906  2.068   1.00 0.00 ? 10 C A "O5'"  1 
ATOM 289 C "C5'"  . C A 1 10 ? 7.058   -4.199  2.126   1.00 0.00 ? 10 C A "C5'"  1 
ATOM 290 C "C4'"  . C A 1 10 ? 6.826   -2.687  2.028   1.00 0.00 ? 10 C A "C4'"  1 
ATOM 291 O "O4'"  . C A 1 10 ? 6.127   -2.328  0.847   1.00 0.00 ? 10 C A "O4'"  1 
ATOM 292 C "C3'"  . C A 1 10 ? 5.997   -2.110  3.172   1.00 0.00 ? 10 C A "C3'"  1 
ATOM 293 O "O3'"  . C A 1 10 ? 6.735   -2.034  4.383   1.00 0.00 ? 10 C A "O3'"  1 
ATOM 294 C "C2'"  . C A 1 10 ? 5.631   -0.759  2.555   1.00 0.00 ? 10 C A "C2'"  1 
ATOM 295 O "O2'"  . C A 1 10 ? 6.713   0.153   2.626   1.00 0.00 ? 10 C A "O2'"  1 
ATOM 296 C "C1'"  . C A 1 10 ? 5.351   -1.163  1.097   1.00 0.00 ? 10 C A "C1'"  1 
ATOM 297 N N1     . C A 1 10 ? 3.883   -1.391  0.898   1.00 0.00 ? 10 C A N1     1 
ATOM 298 C C2     . C A 1 10 ? 3.094   -0.294  0.511   1.00 0.00 ? 10 C A C2     1 
ATOM 299 O O2     . C A 1 10 ? 3.602   0.790   0.232   1.00 0.00 ? 10 C A O2     1 
ATOM 300 N N3     . C A 1 10 ? 1.738   -0.453  0.458   1.00 0.00 ? 10 C A N3     1 
ATOM 301 C C4     . C A 1 10 ? 1.143   -1.622  0.763   1.00 0.00 ? 10 C A C4     1 
ATOM 302 N N4     . C A 1 10 ? -0.192  -1.697  0.726   1.00 0.00 ? 10 C A N4     1 
ATOM 303 C C5     . C A 1 10 ? 1.928   -2.772  1.135   1.00 0.00 ? 10 C A C5     1 
ATOM 304 C C6     . C A 1 10 ? 3.275   -2.603  1.196   1.00 0.00 ? 10 C A C6     1 
ATOM 305 H "H5'"  . C A 1 10 ? 7.716   -4.502  1.309   1.00 0.00 ? 10 C A "H5'"  1 
ATOM 306 H "H5''" . C A 1 10 ? 7.547   -4.422  3.076   1.00 0.00 ? 10 C A "H5''" 1 
ATOM 307 H "H4'"  . C A 1 10 ? 7.799   -2.191  2.004   1.00 0.00 ? 10 C A "H4'"  1 
ATOM 308 H "H3'"  . C A 1 10 ? 5.098   -2.715  3.308   1.00 0.00 ? 10 C A "H3'"  1 
ATOM 309 H "H2'"  . C A 1 10 ? 4.767   -0.307  3.030   1.00 0.00 ? 10 C A "H2'"  1 
ATOM 310 H "HO2'" . C A 1 10 ? 7.012   0.361   1.738   1.00 0.00 ? 10 C A "HO2'" 1 
ATOM 311 H "H1'"  . C A 1 10 ? 5.710   -0.397  0.408   1.00 0.00 ? 10 C A "H1'"  1 
ATOM 312 H H41    . C A 1 10 ? -0.728  -0.878  0.479   1.00 0.00 ? 10 C A H41    1 
ATOM 313 H H42    . C A 1 10 ? -0.664  -2.567  0.924   1.00 0.00 ? 10 C A H42    1 
ATOM 314 H H5     . C A 1 10 ? 1.497   -3.736  1.366   1.00 0.00 ? 10 C A H5     1 
ATOM 315 H H6     . C A 1 10 ? 3.869   -3.445  1.501   1.00 0.00 ? 10 C A H6     1 
ATOM 316 P P      . G A 1 11 ? 6.013   -1.840  5.818   1.00 0.00 ? 11 G A P      1 
ATOM 317 O OP1    . G A 1 11 ? 7.063   -1.793  6.860   1.00 0.00 ? 11 G A OP1    1 
ATOM 318 O OP2    . G A 1 11 ? 4.919   -2.832  5.927   1.00 0.00 ? 11 G A OP2    1 
ATOM 319 O "O5'"  . G A 1 11 ? 5.349   -0.375  5.699   1.00 0.00 ? 11 G A "O5'"  1 
ATOM 320 C "C5'"  . G A 1 11 ? 6.117   0.811   5.803   1.00 0.00 ? 11 G A "C5'"  1 
ATOM 321 C "C4'"  . G A 1 11 ? 5.232   2.035   5.549   1.00 0.00 ? 11 G A "C4'"  1 
ATOM 322 O "O4'"  . G A 1 11 ? 4.602   1.989   4.280   1.00 0.00 ? 11 G A "O4'"  1 
ATOM 323 C "C3'"  . G A 1 11 ? 4.098   2.165   6.564   1.00 0.00 ? 11 G A "C3'"  1 
ATOM 324 O "O3'"  . G A 1 11 ? 4.566   2.631   7.821   1.00 0.00 ? 11 G A "O3'"  1 
ATOM 325 C "C2'"  . G A 1 11 ? 3.200   3.149   5.819   1.00 0.00 ? 11 G A "C2'"  1 
ATOM 326 O "O2'"  . G A 1 11 ? 3.698   4.472   5.899   1.00 0.00 ? 11 G A "O2'"  1 
ATOM 327 C "C1'"  . G A 1 11 ? 3.332   2.615   4.385   1.00 0.00 ? 11 G A "C1'"  1 
ATOM 328 N N9     . G A 1 11 ? 2.231   1.661   4.114   1.00 0.00 ? 11 G A N9     1 
ATOM 329 C C8     . G A 1 11 ? 2.208   0.285   4.097   1.00 0.00 ? 11 G A C8     1 
ATOM 330 N N7     . G A 1 11 ? 1.053   -0.230  3.786   1.00 0.00 ? 11 G A N7     1 
ATOM 331 C C5     . G A 1 11 ? 0.236   0.879   3.620   1.00 0.00 ? 11 G A C5     1 
ATOM 332 C C6     . G A 1 11 ? -1.157  0.957   3.295   1.00 0.00 ? 11 G A C6     1 
ATOM 333 O O6     . G A 1 11 ? -1.912  0.031   3.028   1.00 0.00 ? 11 G A O6     1 
ATOM 334 N N1     . G A 1 11 ? -1.640  2.276   3.310   1.00 0.00 ? 11 G A N1     1 
ATOM 335 C C2     . G A 1 11 ? -0.866  3.392   3.610   1.00 0.00 ? 11 G A C2     1 
ATOM 336 N N2     . G A 1 11 ? -1.457  4.593   3.589   1.00 0.00 ? 11 G A N2     1 
ATOM 337 N N3     . G A 1 11 ? 0.448   3.311   3.897   1.00 0.00 ? 11 G A N3     1 
ATOM 338 C C4     . G A 1 11 ? 0.934   2.033   3.882   1.00 0.00 ? 11 G A C4     1 
ATOM 339 H "H5'"  . G A 1 11 ? 6.937   0.809   5.086   1.00 0.00 ? 11 G A "H5'"  1 
ATOM 340 H "H5''" . G A 1 11 ? 6.531   0.886   6.810   1.00 0.00 ? 11 G A "H5''" 1 
ATOM 341 H "H4'"  . G A 1 11 ? 5.853   2.933   5.582   1.00 0.00 ? 11 G A "H4'"  1 
ATOM 342 H "H3'"  . G A 1 11 ? 3.585   1.205   6.658   1.00 0.00 ? 11 G A "H3'"  1 
ATOM 343 H "H2'"  . G A 1 11 ? 2.176   3.126   6.188   1.00 0.00 ? 11 G A "H2'"  1 
ATOM 344 H "HO2'" . G A 1 11 ? 3.847   4.808   5.012   1.00 0.00 ? 11 G A "HO2'" 1 
ATOM 345 H "H1'"  . G A 1 11 ? 3.268   3.424   3.654   1.00 0.00 ? 11 G A "H1'"  1 
ATOM 346 H H8     . G A 1 11 ? 3.060   -0.333  4.326   1.00 0.00 ? 11 G A H8     1 
ATOM 347 H H1     . G A 1 11 ? -2.617  2.405   3.097   1.00 0.00 ? 11 G A H1     1 
ATOM 348 H H21    . G A 1 11 ? -2.431  4.671   3.341   1.00 0.00 ? 11 G A H21    1 
ATOM 349 H H22    . G A 1 11 ? -0.924  5.421   3.814   1.00 0.00 ? 11 G A H22    1 
ATOM 350 P P      . C A 1 12 ? 3.704   2.454   9.176   1.00 0.00 ? 12 C A P      1 
ATOM 351 O OP1    . C A 1 12 ? 4.441   3.108   10.280  1.00 0.00 ? 12 C A OP1    1 
ATOM 352 O OP2    . C A 1 12 ? 3.320   1.029   9.296   1.00 0.00 ? 12 C A OP2    1 
ATOM 353 O "O5'"  . C A 1 12 ? 2.366   3.304   8.881   1.00 0.00 ? 12 C A "O5'"  1 
ATOM 354 C "C5'"  . C A 1 12 ? 2.332   4.720   8.923   1.00 0.00 ? 12 C A "C5'"  1 
ATOM 355 C "C4'"  . C A 1 12 ? 0.930   5.217   8.555   1.00 0.00 ? 12 C A "C4'"  1 
ATOM 356 O "O4'"  . C A 1 12 ? 0.527   4.821   7.254   1.00 0.00 ? 12 C A "O4'"  1 
ATOM 357 C "C3'"  . C A 1 12 ? -0.150  4.663   9.483   1.00 0.00 ? 12 C A "C3'"  1 
ATOM 358 O "O3'"  . C A 1 12 ? -0.113  5.264   10.769  1.00 0.00 ? 12 C A "O3'"  1 
ATOM 359 C "C2'"  . C A 1 12 ? -1.390  4.988   8.657   1.00 0.00 ? 12 C A "C2'"  1 
ATOM 360 O "O2'"  . C A 1 12 ? -1.734  6.357   8.774   1.00 0.00 ? 12 C A "O2'"  1 
ATOM 361 C "C1'"  . C A 1 12 ? -0.887  4.652   7.240   1.00 0.00 ? 12 C A "C1'"  1 
ATOM 362 N N1     . C A 1 12 ? -1.301  3.258   6.869   1.00 0.00 ? 12 C A N1     1 
ATOM 363 C C2     . C A 1 12 ? -2.602  3.074   6.369   1.00 0.00 ? 12 C A C2     1 
ATOM 364 O O2     . C A 1 12 ? -3.351  4.031   6.191   1.00 0.00 ? 12 C A O2     1 
ATOM 365 N N3     . C A 1 12 ? -3.021  1.804   6.080   1.00 0.00 ? 12 C A N3     1 
ATOM 366 C C4     . C A 1 12 ? -2.227  0.734   6.272   1.00 0.00 ? 12 C A C4     1 
ATOM 367 N N4     . C A 1 12 ? -2.692  -0.477  5.944   1.00 0.00 ? 12 C A N4     1 
ATOM 368 C C5     . C A 1 12 ? -0.890  0.893   6.791   1.00 0.00 ? 12 C A C5     1 
ATOM 369 C C6     . C A 1 12 ? -0.483  2.158   7.075   1.00 0.00 ? 12 C A C6     1 
ATOM 370 H "H5'"  . C A 1 12 ? 3.062   5.153   8.238   1.00 0.00 ? 12 C A "H5'"  1 
ATOM 371 H "H5''" . C A 1 12 ? 2.564   5.057   9.935   1.00 0.00 ? 12 C A "H5''" 1 
ATOM 372 H "H4'"  . C A 1 12 ? 0.922   6.309   8.593   1.00 0.00 ? 12 C A "H4'"  1 
ATOM 373 H "H3'"  . C A 1 12 ? -0.039  3.579   9.556   1.00 0.00 ? 12 C A "H3'"  1 
ATOM 374 H "H2'"  . C A 1 12 ? -2.246  4.387   8.950   1.00 0.00 ? 12 C A "H2'"  1 
ATOM 375 H "HO2'" . C A 1 12 ? -1.807  6.741   7.898   1.00 0.00 ? 12 C A "HO2'" 1 
ATOM 376 H "H1'"  . C A 1 12 ? -1.287  5.361   6.511   1.00 0.00 ? 12 C A "H1'"  1 
ATOM 377 H H41    . C A 1 12 ? -3.626  -0.567  5.569   1.00 0.00 ? 12 C A H41    1 
ATOM 378 H H42    . C A 1 12 ? -2.107  -1.294  6.036   1.00 0.00 ? 12 C A H42    1 
ATOM 379 H H5     . C A 1 12 ? -0.215  0.064   6.952   1.00 0.00 ? 12 C A H5     1 
ATOM 380 H H6     . C A 1 12 ? 0.504   2.288   7.483   1.00 0.00 ? 12 C A H6     1 
ATOM 381 P P      . A A 1 13 ? -0.817  4.581   12.054  1.00 0.00 ? 13 A A P      1 
ATOM 382 O OP1    . A A 1 13 ? -0.579  5.457   13.223  1.00 0.00 ? 13 A A OP1    1 
ATOM 383 O OP2    . A A 1 13 ? -0.401  3.161   12.110  1.00 0.00 ? 13 A A OP2    1 
ATOM 384 O "O5'"  . A A 1 13 ? -2.392  4.628   11.692  1.00 0.00 ? 13 A A "O5'"  1 
ATOM 385 C "C5'"  . A A 1 13 ? -3.158  5.807   11.856  1.00 0.00 ? 13 A A "C5'"  1 
ATOM 386 C "C4'"  . A A 1 13 ? -4.590  5.611   11.348  1.00 0.00 ? 13 A A "C4'"  1 
ATOM 387 O "O4'"  . A A 1 13 ? -4.642  5.268   9.973   1.00 0.00 ? 13 A A "O4'"  1 
ATOM 388 C "C3'"  . A A 1 13 ? -5.378  4.511   12.063  1.00 0.00 ? 13 A A "C3'"  1 
ATOM 389 O "O3'"  . A A 1 13 ? -5.774  4.869   13.370  1.00 0.00 ? 13 A A "O3'"  1 
ATOM 390 C "C2'"  . A A 1 13 ? -6.547  4.368   11.091  1.00 0.00 ? 13 A A "C2'"  1 
ATOM 391 O "O2'"  . A A 1 13 ? -7.461  5.442   11.231  1.00 0.00 ? 13 A A "O2'"  1 
ATOM 392 C "C1'"  . A A 1 13 ? -5.798  4.469   9.750   1.00 0.00 ? 13 A A "C1'"  1 
ATOM 393 N N9     . A A 1 13 ? -5.430  3.103   9.299   1.00 0.00 ? 13 A A N9     1 
ATOM 394 C C8     . A A 1 13 ? -4.248  2.412   9.439   1.00 0.00 ? 13 A A C8     1 
ATOM 395 N N7     . A A 1 13 ? -4.280  1.190   8.986   1.00 0.00 ? 13 A A N7     1 
ATOM 396 C C5     . A A 1 13 ? -5.589  1.036   8.548   1.00 0.00 ? 13 A A C5     1 
ATOM 397 C C6     . A A 1 13 ? -6.308  -0.055  7.993   1.00 0.00 ? 13 A A C6     1 
ATOM 398 N N6     . A A 1 13 ? -5.732  -1.228  7.705   1.00 0.00 ? 13 A A N6     1 
ATOM 399 N N1     . A A 1 13 ? -7.634  0.097   7.743   1.00 0.00 ? 13 A A N1     1 
ATOM 400 C C2     . A A 1 13 ? -8.216  1.272   8.018   1.00 0.00 ? 13 A A C2     1 
ATOM 401 N N3     . A A 1 13 ? -7.644  2.372   8.522   1.00 0.00 ? 13 A A N3     1 
ATOM 402 C C4     . A A 1 13 ? -6.309  2.190   8.767   1.00 0.00 ? 13 A A C4     1 
ATOM 403 H "H5'"  . A A 1 13 ? -2.704  6.638   11.315  1.00 0.00 ? 13 A A "H5'"  1 
ATOM 404 H "H5''" . A A 1 13 ? -3.203  6.061   12.916  1.00 0.00 ? 13 A A "H5''" 1 
ATOM 405 H "H4'"  . A A 1 13 ? -5.118  6.560   11.471  1.00 0.00 ? 13 A A "H4'"  1 
ATOM 406 H "H3'"  . A A 1 13 ? -4.807  3.581   12.095  1.00 0.00 ? 13 A A "H3'"  1 
ATOM 407 H "HO3'" . A A 1 13 ? -6.198  5.728   13.335  1.00 0.00 ? 13 A A "HO3'" 1 
ATOM 408 H "H2'"  . A A 1 13 ? -7.079  3.424   11.223  1.00 0.00 ? 13 A A "H2'"  1 
ATOM 409 H "HO2'" . A A 1 13 ? -7.648  5.810   10.363  1.00 0.00 ? 13 A A "HO2'" 1 
ATOM 410 H "H1'"  . A A 1 13 ? -6.417  4.934   8.979   1.00 0.00 ? 13 A A "H1'"  1 
ATOM 411 H H8     . A A 1 13 ? -3.367  2.822   9.903   1.00 0.00 ? 13 A A H8     1 
ATOM 412 H H61    . A A 1 13 ? -6.279  -1.974  7.302   1.00 0.00 ? 13 A A H61    1 
ATOM 413 H H62    . A A 1 13 ? -4.745  -1.358  7.879   1.00 0.00 ? 13 A A H62    1 
ATOM 414 H H2     . A A 1 13 ? -9.271  1.347   7.802   1.00 0.00 ? 13 A A H2     1 
# 
